data_9CFD
#
_entry.id   9CFD
#
_cell.length_a   106.440
_cell.length_b   106.440
_cell.length_c   71.344
_cell.angle_alpha   90.000
_cell.angle_beta   90.000
_cell.angle_gamma   120.000
#
_symmetry.space_group_name_H-M   'P 65'
#
loop_
_entity.id
_entity.type
_entity.pdbx_description
1 polymer 'Monoclonal 8C1 Fab Heavy Chain'
2 polymer 'Monoclonal 8C1 Fab Light Chain'
3 polymer 'Outer surface protein C'
4 non-polymer 'SULFATE ION'
5 non-polymer 'CHLORIDE ION'
6 water water
#
loop_
_entity_poly.entity_id
_entity_poly.type
_entity_poly.pdbx_seq_one_letter_code
_entity_poly.pdbx_strand_id
1 'polypeptide(L)'
;EVQLQQSGPELVKPGASVKISCKTSGYTFSNSWMNWVKQRPGQGLEWIGRIYPGDGDTNYNGKFKDKATLTTDKSSSTAY
MRLSSLTSVDSAVYFCARSLFDYWGQGTTLTVSSASTKGPSVFPLAPSSKSTSGGTAALGCLVKDYFPEPVTVSWNSGAL
TSGVHTFPAVLQSSGLYSLSSVVTVPSSSLGTQTYICNVNHKPSNTKVDKRVEPKSCDKTH
;
H
2 'polypeptide(L)'
;DVVMTQTPLTLSVTIGQPASISCKSSQSLLDSDGKTYLIWLLQRPGQSPKRLIYLVSKLDSGVPDRFTGSGSGTDFTLKI
SRVEAEDLGVYYCCQGTHFPFTFGVGTKLELKRTVAAPSVFIFPPSDEQLKSGTASVVCLLNNFYPREAKVQWKVDNALQ
SGNSQESVTEQDSKDSTYSLSSTLTLSKADYEKHKVYACEVTHQGLSSPVTKSFNRGEC
;
L
3 'polypeptide(L)' ETFTNKLKEKHTDLG P
#
# COMPACT_ATOMS: atom_id res chain seq x y z
N GLU A 1 -3.86 -21.28 11.68
CA GLU A 1 -4.30 -19.85 11.63
C GLU A 1 -5.25 -19.70 10.47
N VAL A 2 -6.17 -18.73 10.59
CA VAL A 2 -7.05 -18.40 9.48
C VAL A 2 -6.26 -17.71 8.40
N GLN A 3 -6.41 -18.18 7.14
CA GLN A 3 -5.76 -17.57 5.98
C GLN A 3 -6.80 -17.39 4.90
N LEU A 4 -6.86 -16.17 4.32
CA LEU A 4 -7.68 -15.88 3.15
C LEU A 4 -6.69 -15.48 2.05
N GLN A 5 -6.67 -16.20 0.93
CA GLN A 5 -5.70 -16.00 -0.16
C GLN A 5 -6.43 -15.72 -1.45
N GLN A 6 -6.31 -14.51 -1.94
CA GLN A 6 -7.04 -14.08 -3.10
C GLN A 6 -6.26 -14.34 -4.39
N SER A 7 -7.02 -14.34 -5.48
CA SER A 7 -6.45 -14.50 -6.80
C SER A 7 -5.79 -13.18 -7.25
N GLY A 8 -4.96 -13.27 -8.31
CA GLY A 8 -4.07 -12.18 -8.66
C GLY A 8 -4.73 -11.08 -9.44
N PRO A 9 -3.94 -10.07 -9.72
CA PRO A 9 -4.50 -8.87 -10.35
C PRO A 9 -5.08 -9.14 -11.73
N GLU A 10 -6.00 -8.24 -12.14
CA GLU A 10 -6.75 -8.43 -13.39
C GLU A 10 -6.81 -7.10 -14.15
N LEU A 11 -6.68 -7.20 -15.45
CA LEU A 11 -6.90 -6.08 -16.36
C LEU A 11 -8.01 -6.55 -17.31
N VAL A 12 -9.12 -5.82 -17.33
N VAL A 12 -9.12 -5.83 -17.34
CA VAL A 12 -10.27 -6.22 -18.13
CA VAL A 12 -10.29 -6.22 -18.12
C VAL A 12 -10.86 -5.02 -18.87
C VAL A 12 -10.85 -5.01 -18.87
N LYS A 13 -11.45 -5.29 -20.05
CA LYS A 13 -11.94 -4.20 -20.88
C LYS A 13 -13.31 -3.74 -20.40
N PRO A 14 -13.70 -2.51 -20.70
CA PRO A 14 -15.04 -2.07 -20.30
C PRO A 14 -16.11 -2.96 -20.94
N GLY A 15 -17.12 -3.26 -20.17
CA GLY A 15 -18.26 -4.08 -20.60
C GLY A 15 -18.09 -5.55 -20.27
N ALA A 16 -16.86 -5.95 -19.93
CA ALA A 16 -16.58 -7.34 -19.62
C ALA A 16 -16.84 -7.70 -18.16
N SER A 17 -16.62 -8.97 -17.83
CA SER A 17 -16.84 -9.51 -16.49
C SER A 17 -15.51 -10.03 -15.96
N VAL A 18 -15.43 -10.19 -14.63
CA VAL A 18 -14.27 -10.81 -14.01
C VAL A 18 -14.78 -11.61 -12.79
N LYS A 19 -14.10 -12.72 -12.48
CA LYS A 19 -14.38 -13.51 -11.27
C LYS A 19 -13.11 -13.57 -10.40
N ILE A 20 -13.21 -13.08 -9.17
CA ILE A 20 -12.09 -13.07 -8.23
C ILE A 20 -12.34 -14.16 -7.21
N SER A 21 -11.28 -14.84 -6.75
CA SER A 21 -11.40 -15.96 -5.82
C SER A 21 -10.74 -15.59 -4.48
N CYS A 22 -11.19 -16.29 -3.43
CA CYS A 22 -10.69 -16.13 -2.07
C CYS A 22 -10.62 -17.55 -1.48
N LYS A 23 -9.43 -18.14 -1.52
CA LYS A 23 -9.20 -19.49 -1.02
C LYS A 23 -8.92 -19.44 0.49
N THR A 24 -9.65 -20.23 1.26
CA THR A 24 -9.51 -20.11 2.70
C THR A 24 -8.85 -21.36 3.29
N SER A 25 -8.15 -21.19 4.42
CA SER A 25 -7.73 -22.35 5.18
C SER A 25 -7.68 -22.00 6.67
N GLY A 26 -7.66 -23.05 7.51
CA GLY A 26 -7.44 -22.88 8.94
C GLY A 26 -8.68 -22.78 9.80
N TYR A 27 -9.85 -22.95 9.21
CA TYR A 27 -11.12 -23.06 9.94
C TYR A 27 -12.10 -23.76 9.03
N THR A 28 -13.23 -24.21 9.61
CA THR A 28 -14.29 -24.86 8.86
C THR A 28 -15.08 -23.85 8.01
N PHE A 29 -14.85 -23.90 6.70
CA PHE A 29 -15.26 -22.81 5.78
C PHE A 29 -16.75 -22.56 5.81
N SER A 30 -17.53 -23.64 5.99
CA SER A 30 -18.99 -23.55 5.96
C SER A 30 -19.55 -22.78 7.15
N ASN A 31 -18.74 -22.50 8.17
CA ASN A 31 -19.28 -21.93 9.40
C ASN A 31 -19.09 -20.46 9.60
N SER A 32 -18.53 -19.79 8.62
CA SER A 32 -18.30 -18.36 8.75
C SER A 32 -18.78 -17.61 7.52
N TRP A 33 -19.48 -16.48 7.73
CA TRP A 33 -19.83 -15.58 6.60
C TRP A 33 -18.55 -15.15 5.87
N MET A 34 -18.66 -14.97 4.56
CA MET A 34 -17.60 -14.30 3.80
C MET A 34 -18.14 -13.00 3.21
N ASN A 35 -17.45 -11.88 3.46
CA ASN A 35 -17.78 -10.58 2.89
C ASN A 35 -16.83 -10.24 1.75
N TRP A 36 -17.30 -9.36 0.88
CA TRP A 36 -16.43 -8.73 -0.11
C TRP A 36 -16.53 -7.23 0.05
N VAL A 37 -15.38 -6.55 -0.09
CA VAL A 37 -15.32 -5.13 0.17
C VAL A 37 -14.49 -4.49 -0.96
N LYS A 38 -14.92 -3.33 -1.43
CA LYS A 38 -14.23 -2.50 -2.43
C LYS A 38 -13.49 -1.39 -1.77
N GLN A 39 -12.30 -1.12 -2.29
CA GLN A 39 -11.56 0.05 -1.83
C GLN A 39 -11.10 0.85 -3.04
N ARG A 40 -11.63 2.08 -3.18
CA ARG A 40 -11.24 2.97 -4.29
C ARG A 40 -10.96 4.35 -3.71
N PRO A 41 -9.92 5.04 -4.17
CA PRO A 41 -9.63 6.39 -3.67
C PRO A 41 -10.87 7.27 -3.79
N GLY A 42 -11.20 7.90 -2.72
CA GLY A 42 -12.33 8.79 -2.79
C GLY A 42 -13.63 8.15 -2.38
N GLN A 43 -13.88 6.87 -2.79
CA GLN A 43 -15.07 6.12 -2.33
C GLN A 43 -14.83 5.42 -0.99
N GLY A 44 -13.58 5.29 -0.58
CA GLY A 44 -13.22 4.64 0.67
C GLY A 44 -13.51 3.14 0.61
N LEU A 45 -13.85 2.57 1.80
CA LEU A 45 -14.18 1.15 1.90
C LEU A 45 -15.69 0.96 1.78
N GLU A 46 -16.11 0.08 0.90
CA GLU A 46 -17.54 -0.15 0.63
C GLU A 46 -17.82 -1.63 0.69
N TRP A 47 -18.88 -2.00 1.40
CA TRP A 47 -19.25 -3.39 1.54
C TRP A 47 -20.11 -3.80 0.35
N ILE A 48 -19.71 -4.83 -0.35
CA ILE A 48 -20.41 -5.33 -1.54
C ILE A 48 -21.52 -6.30 -1.16
N GLY A 49 -21.21 -7.19 -0.26
CA GLY A 49 -22.20 -8.16 0.15
C GLY A 49 -21.49 -9.31 0.85
N ARG A 50 -22.29 -10.29 1.30
CA ARG A 50 -21.72 -11.46 1.93
C ARG A 50 -22.49 -12.73 1.58
N ILE A 51 -21.84 -13.86 1.80
CA ILE A 51 -22.43 -15.19 1.57
C ILE A 51 -22.11 -16.08 2.76
N TYR A 52 -23.09 -16.89 3.17
CA TYR A 52 -22.83 -17.90 4.16
C TYR A 52 -22.58 -19.22 3.45
N PRO A 53 -21.36 -19.74 3.50
CA PRO A 53 -21.11 -20.92 2.66
C PRO A 53 -21.92 -22.16 3.04
N GLY A 54 -22.29 -22.34 4.33
CA GLY A 54 -23.08 -23.49 4.77
C GLY A 54 -24.38 -23.68 4.01
N ASP A 55 -25.02 -22.60 3.55
CA ASP A 55 -26.29 -22.76 2.84
C ASP A 55 -26.43 -21.87 1.61
N GLY A 56 -25.39 -21.15 1.24
CA GLY A 56 -25.39 -20.21 0.11
C GLY A 56 -26.24 -18.97 0.27
N ASP A 57 -26.70 -18.67 1.47
CA ASP A 57 -27.46 -17.45 1.73
C ASP A 57 -26.60 -16.26 1.39
N THR A 58 -27.17 -15.29 0.69
CA THR A 58 -26.47 -14.05 0.36
C THR A 58 -27.26 -12.81 0.74
N ASN A 59 -26.48 -11.77 1.06
CA ASN A 59 -26.97 -10.44 1.31
C ASN A 59 -26.13 -9.50 0.45
N TYR A 60 -26.79 -8.66 -0.34
CA TYR A 60 -26.03 -7.70 -1.15
C TYR A 60 -26.37 -6.28 -0.73
N ASN A 61 -25.38 -5.39 -0.87
CA ASN A 61 -25.63 -3.97 -0.92
C ASN A 61 -26.37 -3.67 -2.20
N GLY A 62 -27.48 -2.97 -2.05
CA GLY A 62 -28.29 -2.59 -3.19
C GLY A 62 -27.47 -1.84 -4.24
N LYS A 63 -26.41 -1.17 -3.83
CA LYS A 63 -25.58 -0.44 -4.81
C LYS A 63 -24.89 -1.39 -5.79
N PHE A 64 -24.62 -2.63 -5.33
CA PHE A 64 -23.85 -3.63 -6.08
C PHE A 64 -24.72 -4.81 -6.53
N LYS A 65 -26.03 -4.76 -6.32
CA LYS A 65 -26.82 -5.97 -6.63
C LYS A 65 -26.83 -6.33 -8.12
N ASP A 66 -26.86 -5.34 -8.99
CA ASP A 66 -26.83 -5.61 -10.42
C ASP A 66 -25.42 -5.82 -10.98
N LYS A 67 -24.39 -5.69 -10.18
CA LYS A 67 -23.00 -5.81 -10.57
C LYS A 67 -22.34 -7.09 -10.05
N ALA A 68 -22.69 -7.57 -8.87
CA ALA A 68 -21.88 -8.57 -8.19
C ALA A 68 -22.69 -9.84 -8.01
N THR A 69 -22.02 -10.99 -8.13
CA THR A 69 -22.63 -12.29 -7.82
C THR A 69 -21.66 -13.06 -6.94
N LEU A 70 -22.14 -13.53 -5.78
CA LEU A 70 -21.27 -14.25 -4.86
C LEU A 70 -21.66 -15.73 -4.85
N THR A 71 -20.64 -16.59 -4.92
CA THR A 71 -20.80 -18.04 -4.87
C THR A 71 -19.68 -18.63 -4.01
N THR A 72 -19.80 -19.91 -3.71
CA THR A 72 -18.74 -20.61 -2.98
C THR A 72 -18.62 -22.01 -3.55
N ASP A 73 -17.42 -22.58 -3.49
CA ASP A 73 -17.15 -23.98 -3.76
C ASP A 73 -16.67 -24.57 -2.45
N LYS A 74 -17.54 -25.33 -1.79
CA LYS A 74 -17.19 -25.91 -0.50
C LYS A 74 -16.06 -26.92 -0.63
N SER A 75 -16.00 -27.64 -1.75
CA SER A 75 -14.97 -28.66 -1.93
C SER A 75 -13.55 -28.06 -1.91
N SER A 76 -13.39 -26.82 -2.31
CA SER A 76 -12.08 -26.23 -2.29
C SER A 76 -11.97 -25.12 -1.26
N SER A 77 -12.94 -24.99 -0.37
CA SER A 77 -12.96 -23.93 0.61
C SER A 77 -12.66 -22.55 0.02
N THR A 78 -13.29 -22.26 -1.11
CA THR A 78 -13.08 -21.02 -1.83
C THR A 78 -14.38 -20.25 -2.04
N ALA A 79 -14.33 -18.96 -1.79
CA ALA A 79 -15.38 -18.03 -2.14
C ALA A 79 -15.03 -17.25 -3.40
N TYR A 80 -16.06 -16.88 -4.17
CA TYR A 80 -15.88 -16.22 -5.45
C TYR A 80 -16.78 -14.99 -5.53
N MET A 81 -16.28 -13.98 -6.23
CA MET A 81 -17.12 -12.83 -6.56
C MET A 81 -16.98 -12.59 -8.04
N ARG A 82 -18.10 -12.59 -8.77
CA ARG A 82 -18.13 -12.14 -10.16
C ARG A 82 -18.65 -10.71 -10.22
N LEU A 83 -17.99 -9.85 -11.02
CA LEU A 83 -18.39 -8.47 -11.29
C LEU A 83 -18.57 -8.34 -12.79
N SER A 84 -19.73 -7.84 -13.20
CA SER A 84 -20.11 -7.80 -14.60
C SER A 84 -20.34 -6.36 -15.04
N SER A 85 -20.50 -6.19 -16.37
CA SER A 85 -20.76 -4.89 -17.01
C SER A 85 -19.80 -3.83 -16.48
N LEU A 86 -18.53 -4.17 -16.50
CA LEU A 86 -17.53 -3.34 -15.83
C LEU A 86 -17.32 -2.00 -16.53
N THR A 87 -17.10 -0.98 -15.71
CA THR A 87 -16.73 0.33 -16.17
C THR A 87 -15.52 0.85 -15.39
N SER A 88 -15.02 2.01 -15.79
CA SER A 88 -13.84 2.51 -15.08
C SER A 88 -14.07 2.72 -13.58
N VAL A 89 -15.31 3.05 -13.17
CA VAL A 89 -15.57 3.22 -11.73
C VAL A 89 -15.43 1.92 -10.95
N ASP A 90 -15.35 0.80 -11.65
CA ASP A 90 -15.13 -0.48 -10.97
C ASP A 90 -13.64 -0.80 -10.73
N SER A 91 -12.74 0.02 -11.28
CA SER A 91 -11.34 -0.16 -10.95
C SER A 91 -11.07 0.14 -9.47
N ALA A 92 -10.46 -0.81 -8.81
CA ALA A 92 -10.34 -0.74 -7.35
C ALA A 92 -9.56 -1.91 -6.81
N VAL A 93 -9.27 -1.92 -5.53
CA VAL A 93 -8.79 -3.14 -4.86
C VAL A 93 -9.99 -3.76 -4.18
N TYR A 94 -10.15 -5.05 -4.39
CA TYR A 94 -11.24 -5.81 -3.77
C TYR A 94 -10.67 -6.76 -2.74
N PHE A 95 -11.32 -6.83 -1.56
CA PHE A 95 -10.91 -7.70 -0.47
C PHE A 95 -12.03 -8.69 -0.15
N CYS A 96 -11.66 -9.94 0.19
CA CYS A 96 -12.58 -10.77 0.95
C CYS A 96 -12.26 -10.58 2.41
N ALA A 97 -13.26 -10.69 3.27
CA ALA A 97 -13.08 -10.51 4.70
C ALA A 97 -14.10 -11.42 5.38
N ARG A 98 -13.65 -12.17 6.38
CA ARG A 98 -14.49 -13.14 7.10
C ARG A 98 -15.30 -12.47 8.19
N SER A 99 -16.52 -12.98 8.38
CA SER A 99 -17.32 -12.78 9.61
C SER A 99 -17.50 -11.30 9.88
N LEU A 100 -17.34 -10.84 11.11
CA LEU A 100 -17.46 -9.39 11.37
C LEU A 100 -16.11 -8.73 11.08
N PHE A 101 -15.71 -8.90 9.82
CA PHE A 101 -14.46 -8.34 9.27
C PHE A 101 -13.24 -8.68 10.12
N ASP A 102 -13.14 -9.96 10.53
CA ASP A 102 -12.08 -10.32 11.48
C ASP A 102 -10.79 -10.77 10.85
N TYR A 103 -10.83 -11.32 9.65
CA TYR A 103 -9.66 -11.72 8.88
C TYR A 103 -9.89 -11.31 7.44
N TRP A 104 -8.84 -10.76 6.82
CA TRP A 104 -8.92 -10.17 5.50
C TRP A 104 -7.95 -10.84 4.53
N GLY A 105 -8.37 -10.94 3.29
CA GLY A 105 -7.44 -11.33 2.24
C GLY A 105 -6.45 -10.20 1.93
N GLN A 106 -5.47 -10.51 1.06
CA GLN A 106 -4.43 -9.54 0.74
C GLN A 106 -4.88 -8.51 -0.28
N GLY A 107 -6.05 -8.64 -0.84
CA GLY A 107 -6.60 -7.77 -1.87
C GLY A 107 -6.28 -8.28 -3.26
N THR A 108 -7.13 -7.89 -4.19
CA THR A 108 -6.97 -8.12 -5.63
C THR A 108 -7.20 -6.80 -6.36
N THR A 109 -6.21 -6.37 -7.15
CA THR A 109 -6.31 -5.15 -7.90
C THR A 109 -6.95 -5.38 -9.26
N LEU A 110 -8.02 -4.69 -9.50
CA LEU A 110 -8.73 -4.75 -10.77
C LEU A 110 -8.60 -3.42 -11.45
N THR A 111 -8.18 -3.47 -12.71
CA THR A 111 -8.16 -2.29 -13.56
C THR A 111 -9.06 -2.53 -14.76
N VAL A 112 -10.02 -1.64 -14.98
CA VAL A 112 -10.92 -1.67 -16.10
C VAL A 112 -10.44 -0.62 -17.11
N SER A 113 -9.98 -1.07 -18.27
CA SER A 113 -9.37 -0.18 -19.23
C SER A 113 -9.32 -0.89 -20.57
N SER A 114 -9.32 -0.09 -21.64
N SER A 114 -9.32 -0.10 -21.64
CA SER A 114 -9.14 -0.60 -23.00
CA SER A 114 -9.14 -0.61 -22.99
C SER A 114 -7.69 -0.84 -23.34
C SER A 114 -7.68 -0.81 -23.35
N ALA A 115 -6.77 -0.34 -22.50
CA ALA A 115 -5.35 -0.53 -22.71
C ALA A 115 -4.93 -2.00 -22.65
N SER A 116 -3.85 -2.31 -23.36
CA SER A 116 -3.14 -3.58 -23.20
C SER A 116 -2.08 -3.50 -22.08
N THR A 117 -1.74 -4.69 -21.55
CA THR A 117 -0.69 -4.72 -20.55
C THR A 117 0.65 -4.26 -21.15
N LYS A 118 1.47 -3.67 -20.30
CA LYS A 118 2.85 -3.34 -20.65
C LYS A 118 3.76 -3.64 -19.47
N GLY A 119 4.74 -4.52 -19.69
CA GLY A 119 5.62 -4.91 -18.63
C GLY A 119 6.61 -3.80 -18.32
N PRO A 120 7.13 -3.78 -17.09
CA PRO A 120 8.11 -2.76 -16.71
C PRO A 120 9.48 -3.03 -17.28
N SER A 121 10.24 -1.95 -17.44
CA SER A 121 11.66 -2.02 -17.63
C SER A 121 12.31 -1.89 -16.30
N VAL A 122 13.16 -2.85 -15.96
CA VAL A 122 13.80 -2.93 -14.67
C VAL A 122 15.28 -2.62 -14.86
N PHE A 123 15.74 -1.54 -14.20
CA PHE A 123 17.11 -1.09 -14.34
C PHE A 123 17.77 -0.97 -12.97
N PRO A 124 19.04 -1.32 -12.87
CA PRO A 124 19.72 -1.17 -11.60
C PRO A 124 20.02 0.31 -11.31
N LEU A 125 20.01 0.62 -10.02
CA LEU A 125 20.51 1.89 -9.48
C LEU A 125 21.79 1.56 -8.72
N ALA A 126 22.94 1.92 -9.29
CA ALA A 126 24.19 1.54 -8.67
C ALA A 126 24.98 2.80 -8.35
N PRO A 127 25.67 2.85 -7.23
CA PRO A 127 26.63 3.93 -6.97
C PRO A 127 27.68 4.03 -8.06
N SER A 128 28.28 5.22 -8.16
CA SER A 128 29.41 5.44 -9.05
C SER A 128 30.70 5.24 -8.26
N GLY A 134 30.96 8.82 4.62
CA GLY A 134 30.77 7.83 3.57
C GLY A 134 30.73 6.41 4.11
N GLY A 135 30.08 6.23 5.26
CA GLY A 135 29.96 4.88 5.77
C GLY A 135 28.76 4.14 5.21
N THR A 136 27.78 4.87 4.70
CA THR A 136 26.60 4.26 4.10
C THR A 136 26.59 4.48 2.58
N ALA A 137 26.17 3.43 1.89
CA ALA A 137 25.92 3.46 0.46
C ALA A 137 24.47 3.09 0.21
N ALA A 138 24.01 3.34 -1.02
CA ALA A 138 22.67 2.96 -1.39
C ALA A 138 22.70 2.31 -2.76
N LEU A 139 21.74 1.42 -3.02
CA LEU A 139 21.59 0.80 -4.33
C LEU A 139 20.08 0.56 -4.50
N GLY A 140 19.66 0.22 -5.71
CA GLY A 140 18.24 0.10 -5.91
C GLY A 140 17.89 -0.46 -7.28
N CYS A 141 16.60 -0.47 -7.60
N CYS A 141 16.60 -0.37 -7.59
N CYS A 141 16.60 -0.40 -7.60
CA CYS A 141 16.29 -0.70 -9.00
CA CYS A 141 16.08 -0.80 -8.89
CA CYS A 141 16.10 -0.79 -8.90
C CYS A 141 15.01 0.05 -9.36
C CYS A 141 15.00 0.19 -9.28
C CYS A 141 15.01 0.18 -9.30
N LEU A 142 15.04 0.61 -10.56
CA LEU A 142 14.01 1.46 -11.11
C LEU A 142 13.10 0.52 -11.88
N VAL A 143 11.80 0.66 -11.69
CA VAL A 143 10.74 -0.19 -12.29
C VAL A 143 9.88 0.76 -13.11
N LYS A 144 10.20 0.89 -14.41
CA LYS A 144 9.76 2.01 -15.24
C LYS A 144 8.69 1.63 -16.25
N ASP A 145 7.66 2.48 -16.37
CA ASP A 145 6.75 2.54 -17.53
C ASP A 145 5.99 1.24 -17.77
N TYR A 146 5.17 0.89 -16.79
CA TYR A 146 4.35 -0.33 -16.85
C TYR A 146 2.86 -0.01 -16.75
N PHE A 147 2.05 -1.02 -17.14
CA PHE A 147 0.60 -0.85 -17.00
C PHE A 147 -0.03 -2.22 -17.00
N PRO A 148 -1.07 -2.46 -16.20
CA PRO A 148 -1.65 -1.67 -15.12
C PRO A 148 -0.85 -1.92 -13.80
N GLU A 149 -1.31 -1.35 -12.70
CA GLU A 149 -0.92 -1.80 -11.37
C GLU A 149 -1.40 -3.23 -11.18
N PRO A 150 -0.79 -3.97 -10.25
CA PRO A 150 0.33 -3.65 -9.38
C PRO A 150 1.61 -4.31 -9.79
N VAL A 151 2.71 -3.92 -9.15
CA VAL A 151 3.98 -4.67 -9.21
C VAL A 151 4.38 -4.98 -7.77
N THR A 152 5.12 -6.05 -7.58
CA THR A 152 5.69 -6.39 -6.29
C THR A 152 7.18 -6.40 -6.44
N VAL A 153 7.88 -5.91 -5.42
CA VAL A 153 9.33 -5.85 -5.42
C VAL A 153 9.80 -6.40 -4.11
N SER A 154 10.81 -7.27 -4.17
CA SER A 154 11.47 -7.80 -2.98
C SER A 154 12.97 -7.75 -3.29
N TRP A 155 13.78 -8.00 -2.26
CA TRP A 155 15.23 -8.05 -2.39
C TRP A 155 15.69 -9.41 -1.88
N ASN A 156 16.49 -10.10 -2.67
CA ASN A 156 17.04 -11.41 -2.28
C ASN A 156 15.90 -12.32 -1.82
N SER A 157 14.84 -12.33 -2.65
CA SER A 157 13.63 -13.15 -2.43
C SER A 157 12.93 -12.87 -1.11
N GLY A 158 13.12 -11.67 -0.56
CA GLY A 158 12.56 -11.31 0.69
C GLY A 158 13.45 -11.51 1.87
N ALA A 159 14.65 -12.08 1.68
CA ALA A 159 15.53 -12.33 2.83
C ALA A 159 16.23 -11.05 3.27
N LEU A 160 16.19 -10.03 2.46
CA LEU A 160 16.79 -8.73 2.80
C LEU A 160 15.70 -7.71 3.03
N THR A 161 15.56 -7.26 4.28
CA THR A 161 14.57 -6.23 4.58
C THR A 161 15.14 -5.03 5.30
N SER A 162 16.31 -5.14 5.92
CA SER A 162 16.83 -4.01 6.68
C SER A 162 17.33 -2.98 5.68
N GLY A 163 16.86 -1.75 5.83
CA GLY A 163 17.34 -0.67 5.00
C GLY A 163 16.56 -0.51 3.72
N VAL A 164 15.59 -1.37 3.45
CA VAL A 164 14.83 -1.32 2.19
C VAL A 164 13.72 -0.30 2.27
N HIS A 165 13.59 0.48 1.17
CA HIS A 165 12.51 1.44 1.00
C HIS A 165 11.96 1.22 -0.40
N THR A 166 10.72 0.77 -0.51
CA THR A 166 10.06 0.66 -1.80
C THR A 166 9.07 1.81 -1.92
N PHE A 167 9.26 2.64 -2.92
CA PHE A 167 8.45 3.81 -3.13
C PHE A 167 7.09 3.43 -3.70
N PRO A 168 6.06 4.23 -3.41
CA PRO A 168 4.75 3.98 -4.02
C PRO A 168 4.79 4.14 -5.53
N ALA A 169 3.96 3.39 -6.20
CA ALA A 169 3.77 3.57 -7.64
C ALA A 169 3.19 4.93 -7.92
N VAL A 170 3.69 5.57 -8.98
CA VAL A 170 3.23 6.88 -9.38
C VAL A 170 2.73 6.79 -10.82
N LEU A 171 1.48 7.19 -11.04
CA LEU A 171 0.93 7.26 -12.38
C LEU A 171 1.44 8.54 -13.05
N GLN A 172 2.11 8.36 -14.16
N GLN A 172 2.11 8.34 -14.17
CA GLN A 172 2.71 9.44 -14.89
CA GLN A 172 2.69 9.43 -14.91
C GLN A 172 1.70 10.09 -15.83
C GLN A 172 1.65 10.13 -15.77
N SER A 173 2.00 11.36 -16.21
CA SER A 173 1.06 12.13 -16.98
C SER A 173 0.67 11.41 -18.25
N SER A 174 1.60 10.67 -18.88
CA SER A 174 1.29 10.00 -20.13
C SER A 174 0.73 8.60 -19.98
N GLY A 175 0.36 8.19 -18.77
CA GLY A 175 -0.55 7.09 -18.63
C GLY A 175 0.07 5.83 -18.05
N LEU A 176 1.38 5.76 -17.90
CA LEU A 176 2.05 4.57 -17.37
C LEU A 176 2.54 4.82 -15.95
N TYR A 177 2.80 3.73 -15.22
CA TYR A 177 3.29 3.79 -13.86
C TYR A 177 4.81 3.63 -13.83
N SER A 178 5.38 4.09 -12.72
CA SER A 178 6.76 3.78 -12.38
C SER A 178 6.87 3.75 -10.89
N LEU A 179 7.88 3.01 -10.42
CA LEU A 179 8.25 3.11 -9.01
C LEU A 179 9.72 2.70 -8.88
N SER A 180 10.29 2.87 -7.69
CA SER A 180 11.63 2.41 -7.45
C SER A 180 11.67 1.76 -6.09
N SER A 181 12.73 1.01 -5.87
CA SER A 181 13.03 0.43 -4.56
C SER A 181 14.50 0.60 -4.30
N VAL A 182 14.85 1.01 -3.09
CA VAL A 182 16.23 1.28 -2.71
C VAL A 182 16.56 0.56 -1.42
N VAL A 183 17.86 0.32 -1.23
CA VAL A 183 18.40 -0.25 -0.02
C VAL A 183 19.62 0.55 0.38
N THR A 184 19.66 0.98 1.65
CA THR A 184 20.90 1.51 2.19
C THR A 184 21.68 0.39 2.88
N VAL A 185 22.99 0.39 2.68
CA VAL A 185 23.86 -0.69 3.14
C VAL A 185 25.18 -0.08 3.57
N PRO A 186 25.91 -0.76 4.43
CA PRO A 186 27.30 -0.35 4.73
C PRO A 186 28.11 -0.30 3.45
N SER A 187 28.92 0.76 3.29
CA SER A 187 29.63 0.95 2.04
C SER A 187 30.56 -0.22 1.78
N SER A 188 31.00 -0.91 2.84
CA SER A 188 31.83 -2.11 2.70
C SER A 188 31.08 -3.22 1.97
N SER A 189 29.77 -3.22 2.01
CA SER A 189 29.02 -4.29 1.33
C SER A 189 28.96 -4.17 -0.18
N LEU A 190 29.37 -3.04 -0.71
CA LEU A 190 29.34 -2.83 -2.14
C LEU A 190 30.31 -3.76 -2.85
N GLY A 191 29.83 -4.36 -3.93
CA GLY A 191 30.66 -5.21 -4.75
C GLY A 191 31.07 -6.50 -4.12
N THR A 192 30.62 -6.79 -2.90
N THR A 192 30.63 -6.80 -2.89
CA THR A 192 30.93 -8.03 -2.21
CA THR A 192 30.93 -8.07 -2.25
C THR A 192 29.69 -8.84 -1.85
C THR A 192 29.68 -8.86 -1.86
N GLN A 193 28.64 -8.19 -1.41
CA GLN A 193 27.40 -8.88 -1.08
C GLN A 193 26.51 -8.95 -2.31
N THR A 194 25.66 -9.97 -2.34
CA THR A 194 24.62 -10.15 -3.34
C THR A 194 23.39 -9.29 -3.05
N TYR A 195 22.97 -8.52 -4.05
CA TYR A 195 21.75 -7.72 -3.99
C TYR A 195 20.98 -7.95 -5.28
N ILE A 196 19.87 -8.66 -5.15
CA ILE A 196 19.02 -9.04 -6.28
C ILE A 196 17.67 -8.39 -6.03
N CYS A 197 17.20 -7.56 -6.98
N CYS A 197 17.22 -7.58 -6.98
CA CYS A 197 15.84 -7.05 -6.84
CA CYS A 197 15.86 -7.07 -6.97
C CYS A 197 14.88 -7.89 -7.69
C CYS A 197 14.94 -8.04 -7.69
N ASN A 198 13.87 -8.45 -7.02
CA ASN A 198 12.89 -9.34 -7.62
C ASN A 198 11.66 -8.53 -7.94
N VAL A 199 11.33 -8.41 -9.24
CA VAL A 199 10.18 -7.63 -9.69
C VAL A 199 9.17 -8.57 -10.36
N ASN A 200 7.90 -8.49 -9.96
CA ASN A 200 6.90 -9.33 -10.58
C ASN A 200 5.77 -8.42 -11.00
N HIS A 201 5.48 -8.39 -12.29
CA HIS A 201 4.31 -7.70 -12.84
C HIS A 201 3.39 -8.77 -13.41
N LYS A 202 2.50 -9.28 -12.56
CA LYS A 202 1.71 -10.42 -13.00
C LYS A 202 0.87 -10.15 -14.25
N PRO A 203 0.25 -8.96 -14.45
CA PRO A 203 -0.61 -8.82 -15.63
C PRO A 203 0.08 -9.08 -16.95
N SER A 204 1.36 -8.76 -17.06
CA SER A 204 2.13 -9.02 -18.28
C SER A 204 2.98 -10.30 -18.20
N ASN A 205 2.85 -11.06 -17.12
CA ASN A 205 3.72 -12.23 -16.86
C ASN A 205 5.21 -11.87 -16.94
N THR A 206 5.56 -10.71 -16.39
CA THR A 206 6.94 -10.22 -16.37
C THR A 206 7.50 -10.50 -14.99
N LYS A 207 8.49 -11.38 -14.90
CA LYS A 207 9.27 -11.60 -13.68
C LYS A 207 10.72 -11.31 -14.01
N VAL A 208 11.36 -10.49 -13.19
CA VAL A 208 12.76 -10.10 -13.40
C VAL A 208 13.50 -10.22 -12.08
N ASP A 209 14.67 -10.83 -12.10
CA ASP A 209 15.58 -10.89 -10.96
C ASP A 209 16.83 -10.22 -11.41
N LYS A 210 17.04 -8.99 -10.96
CA LYS A 210 18.15 -8.18 -11.43
C LYS A 210 19.21 -8.10 -10.35
N ARG A 211 20.42 -8.57 -10.65
CA ARG A 211 21.56 -8.36 -9.76
C ARG A 211 22.03 -6.91 -9.87
N VAL A 212 22.16 -6.25 -8.73
CA VAL A 212 22.57 -4.84 -8.68
C VAL A 212 23.99 -4.77 -8.14
N GLU A 213 24.91 -4.24 -8.94
CA GLU A 213 26.32 -4.18 -8.62
C GLU A 213 26.84 -2.79 -8.97
N PRO A 214 27.95 -2.38 -8.36
CA PRO A 214 28.54 -1.07 -8.71
C PRO A 214 28.91 -1.00 -10.17
N LYS A 215 28.85 0.24 -10.69
CA LYS A 215 29.32 0.69 -12.01
C LYS A 215 28.09 1.22 -12.78
N ASP B 1 -28.97 4.43 3.86
CA ASP B 1 -27.95 3.61 4.58
C ASP B 1 -27.46 4.31 5.88
N VAL B 2 -26.76 3.60 6.75
CA VAL B 2 -26.28 4.22 7.96
C VAL B 2 -24.95 4.89 7.67
N VAL B 3 -24.90 6.17 7.90
CA VAL B 3 -23.68 6.95 7.70
C VAL B 3 -22.82 6.88 8.97
N MET B 4 -21.51 6.62 8.80
CA MET B 4 -20.56 6.55 9.90
C MET B 4 -19.63 7.75 9.76
N THR B 5 -19.68 8.66 10.70
CA THR B 5 -18.95 9.95 10.65
C THR B 5 -17.81 9.95 11.67
N GLN B 6 -16.57 9.95 11.18
CA GLN B 6 -15.41 9.80 12.06
C GLN B 6 -14.78 11.16 12.27
N THR B 7 -14.26 11.38 13.47
CA THR B 7 -13.46 12.61 13.71
C THR B 7 -12.30 12.30 14.66
N PRO B 8 -11.16 12.91 14.49
CA PRO B 8 -10.80 13.84 13.44
C PRO B 8 -10.50 13.10 12.16
N LEU B 9 -10.14 13.81 11.10
CA LEU B 9 -9.73 13.14 9.88
C LEU B 9 -8.25 12.84 9.89
N THR B 10 -7.47 13.64 10.62
CA THR B 10 -6.04 13.41 10.76
C THR B 10 -5.68 13.60 12.21
N LEU B 11 -4.85 12.70 12.71
CA LEU B 11 -4.26 12.75 14.05
C LEU B 11 -2.76 12.90 13.90
N SER B 12 -2.21 14.00 14.44
CA SER B 12 -0.78 14.27 14.41
C SER B 12 -0.31 14.25 15.87
N VAL B 13 0.51 13.26 16.22
CA VAL B 13 0.75 12.97 17.62
C VAL B 13 2.21 12.58 17.80
N THR B 14 2.71 12.82 19.00
CA THR B 14 4.07 12.47 19.39
C THR B 14 4.07 11.17 20.17
N ILE B 15 5.16 10.41 20.06
CA ILE B 15 5.27 9.16 20.80
C ILE B 15 4.97 9.41 22.28
N GLY B 16 4.25 8.48 22.90
CA GLY B 16 3.89 8.54 24.30
C GLY B 16 2.62 9.30 24.63
N GLN B 17 2.17 10.18 23.73
CA GLN B 17 0.98 10.96 24.03
C GLN B 17 -0.27 10.10 23.81
N PRO B 18 -1.36 10.40 24.52
CA PRO B 18 -2.62 9.69 24.26
C PRO B 18 -3.33 10.26 23.04
N ALA B 19 -4.11 9.41 22.38
CA ALA B 19 -4.88 9.87 21.23
C ALA B 19 -6.20 9.14 21.20
N SER B 20 -7.13 9.72 20.46
CA SER B 20 -8.45 9.11 20.35
C SER B 20 -9.13 9.53 19.05
N ILE B 21 -10.02 8.65 18.61
CA ILE B 21 -10.83 8.84 17.41
C ILE B 21 -12.29 8.53 17.78
N SER B 22 -13.21 9.35 17.29
CA SER B 22 -14.63 9.14 17.58
C SER B 22 -15.38 8.82 16.31
N CYS B 23 -16.50 8.10 16.46
CA CYS B 23 -17.30 7.63 15.34
C CYS B 23 -18.74 7.84 15.73
N LYS B 24 -19.50 8.47 14.85
CA LYS B 24 -20.93 8.71 15.02
C LYS B 24 -21.69 7.94 13.95
N SER B 25 -22.69 7.16 14.34
CA SER B 25 -23.56 6.55 13.34
C SER B 25 -24.89 7.26 13.26
N SER B 26 -25.52 7.19 12.07
CA SER B 26 -26.78 7.88 11.87
C SER B 26 -27.99 7.14 12.44
N GLN B 27 -27.81 5.88 12.80
CA GLN B 27 -28.81 5.08 13.51
C GLN B 27 -28.13 4.35 14.65
N SER B 28 -28.87 4.08 15.74
CA SER B 28 -28.27 3.30 16.83
C SER B 28 -27.75 1.97 16.30
N LEU B 29 -26.56 1.56 16.76
CA LEU B 29 -25.95 0.28 16.38
C LEU B 29 -26.30 -0.84 17.34
N LEU B 30 -27.13 -0.56 18.33
CA LEU B 30 -27.64 -1.62 19.21
C LEU B 30 -28.64 -2.46 18.42
N ASP B 31 -28.32 -3.74 18.26
CA ASP B 31 -29.17 -4.70 17.55
C ASP B 31 -30.22 -5.29 18.47
N SER B 32 -31.27 -5.85 17.84
CA SER B 32 -32.34 -6.43 18.61
C SER B 32 -31.89 -7.67 19.39
N ASP B 33 -30.75 -8.24 19.03
CA ASP B 33 -30.16 -9.35 19.77
C ASP B 33 -29.27 -8.92 20.91
N GLY B 34 -29.19 -7.63 21.21
CA GLY B 34 -28.48 -7.21 22.37
C GLY B 34 -27.06 -6.82 22.08
N LYS B 35 -26.52 -7.22 20.96
CA LYS B 35 -25.15 -6.85 20.62
C LYS B 35 -25.07 -5.53 19.85
N THR B 36 -23.91 -4.87 19.92
CA THR B 36 -23.65 -3.65 19.16
C THR B 36 -22.51 -3.92 18.21
N TYR B 37 -22.83 -4.09 16.91
CA TYR B 37 -21.86 -4.57 15.95
C TYR B 37 -21.04 -3.43 15.41
N LEU B 38 -20.18 -2.91 16.26
CA LEU B 38 -19.24 -1.81 15.94
C LEU B 38 -17.85 -2.35 16.10
N ILE B 39 -17.00 -2.13 15.09
CA ILE B 39 -15.64 -2.56 15.14
C ILE B 39 -14.74 -1.37 14.72
N TRP B 40 -13.48 -1.50 15.02
CA TRP B 40 -12.40 -0.58 14.58
C TRP B 40 -11.33 -1.40 13.87
N LEU B 41 -10.87 -0.88 12.75
CA LEU B 41 -9.87 -1.49 11.90
C LEU B 41 -8.71 -0.53 11.67
N LEU B 42 -7.52 -1.06 11.45
CA LEU B 42 -6.34 -0.29 11.11
C LEU B 42 -5.79 -0.81 9.78
N GLN B 43 -5.47 0.09 8.87
CA GLN B 43 -4.84 -0.28 7.60
C GLN B 43 -3.57 0.51 7.44
N ARG B 44 -2.47 -0.20 7.29
CA ARG B 44 -1.24 0.47 6.91
C ARG B 44 -1.13 0.59 5.41
N PRO B 45 -0.30 1.49 4.89
CA PRO B 45 -0.25 1.62 3.44
C PRO B 45 0.13 0.32 2.77
N GLY B 46 -0.55 0.03 1.66
CA GLY B 46 -0.24 -1.12 0.86
C GLY B 46 -0.64 -2.43 1.46
N GLN B 47 -1.17 -2.44 2.68
CA GLN B 47 -1.55 -3.66 3.38
C GLN B 47 -3.06 -3.73 3.46
N SER B 48 -3.57 -4.91 3.89
CA SER B 48 -4.99 -4.99 4.13
C SER B 48 -5.35 -4.44 5.50
N PRO B 49 -6.62 -4.13 5.71
CA PRO B 49 -7.09 -3.78 7.04
C PRO B 49 -6.95 -4.96 8.00
N LYS B 50 -6.76 -4.59 9.26
CA LYS B 50 -6.71 -5.55 10.35
C LYS B 50 -7.70 -5.07 11.39
N ARG B 51 -8.47 -6.02 11.96
CA ARG B 51 -9.38 -5.62 13.01
C ARG B 51 -8.67 -5.51 14.35
N LEU B 52 -9.01 -4.44 15.09
CA LEU B 52 -8.37 -4.21 16.39
C LEU B 52 -9.33 -4.42 17.55
N ILE B 53 -10.54 -3.90 17.38
CA ILE B 53 -11.57 -3.92 18.42
C ILE B 53 -12.90 -4.33 17.79
N TYR B 54 -13.67 -5.13 18.56
CA TYR B 54 -14.95 -5.58 18.03
C TYR B 54 -15.98 -5.56 19.15
N LEU B 55 -17.27 -5.46 18.79
CA LEU B 55 -18.36 -5.34 19.75
C LEU B 55 -18.11 -4.22 20.76
N VAL B 56 -17.66 -3.08 20.19
CA VAL B 56 -17.41 -1.80 20.85
C VAL B 56 -16.09 -1.80 21.61
N SER B 57 -15.86 -2.82 22.45
CA SER B 57 -14.81 -2.78 23.48
C SER B 57 -13.92 -4.01 23.59
N LYS B 58 -14.17 -5.05 22.81
CA LYS B 58 -13.38 -6.24 22.91
C LYS B 58 -12.13 -6.17 22.04
N LEU B 59 -10.98 -6.53 22.62
CA LEU B 59 -9.70 -6.44 21.89
C LEU B 59 -9.46 -7.72 21.10
N ASP B 60 -9.04 -7.58 19.86
CA ASP B 60 -8.64 -8.75 19.11
C ASP B 60 -7.33 -9.37 19.65
N SER B 61 -7.13 -10.67 19.40
CA SER B 61 -5.90 -11.33 19.80
C SER B 61 -4.68 -10.61 19.24
N GLY B 62 -3.68 -10.44 20.11
CA GLY B 62 -2.44 -9.83 19.71
C GLY B 62 -2.43 -8.32 19.63
N VAL B 63 -3.54 -7.65 19.90
CA VAL B 63 -3.62 -6.20 19.89
C VAL B 63 -3.15 -5.66 21.24
N PRO B 64 -2.22 -4.71 21.27
CA PRO B 64 -1.73 -4.22 22.56
C PRO B 64 -2.84 -3.63 23.41
N ASP B 65 -2.64 -3.79 24.71
CA ASP B 65 -3.52 -3.26 25.74
C ASP B 65 -3.67 -1.76 25.66
N ARG B 66 -2.77 -1.07 24.95
CA ARG B 66 -2.84 0.38 24.83
C ARG B 66 -4.11 0.83 24.12
N PHE B 67 -4.78 -0.08 23.42
CA PHE B 67 -6.00 0.21 22.65
C PHE B 67 -7.22 -0.17 23.46
N THR B 68 -8.17 0.74 23.54
CA THR B 68 -9.45 0.50 24.21
C THR B 68 -10.56 1.07 23.36
N GLY B 69 -11.72 0.49 23.46
CA GLY B 69 -12.89 0.99 22.76
C GLY B 69 -14.05 1.17 23.72
N SER B 70 -14.83 2.23 23.50
CA SER B 70 -15.96 2.51 24.38
C SER B 70 -17.07 3.11 23.54
N GLY B 71 -18.23 3.30 24.20
CA GLY B 71 -19.38 3.94 23.61
C GLY B 71 -20.61 3.04 23.54
N SER B 72 -21.67 3.63 23.04
CA SER B 72 -22.98 2.98 22.97
C SER B 72 -23.85 3.80 22.03
N GLY B 73 -24.93 3.19 21.58
CA GLY B 73 -25.96 3.88 20.83
C GLY B 73 -25.42 4.33 19.46
N THR B 74 -25.13 5.65 19.31
CA THR B 74 -24.64 6.17 18.03
C THR B 74 -23.22 6.70 18.20
N ASP B 75 -22.65 6.66 19.41
CA ASP B 75 -21.39 7.40 19.60
C ASP B 75 -20.31 6.50 20.22
N PHE B 76 -19.14 6.46 19.55
CA PHE B 76 -18.10 5.52 19.93
C PHE B 76 -16.71 6.15 19.82
N THR B 77 -15.81 5.66 20.68
CA THR B 77 -14.44 6.15 20.74
C THR B 77 -13.48 4.98 20.71
N LEU B 78 -12.42 5.16 19.93
CA LEU B 78 -11.23 4.34 20.02
C LEU B 78 -10.16 5.15 20.72
N LYS B 79 -9.58 4.60 21.82
CA LYS B 79 -8.54 5.33 22.55
C LYS B 79 -7.21 4.59 22.51
N ILE B 80 -6.12 5.33 22.34
CA ILE B 80 -4.79 4.78 22.45
C ILE B 80 -4.10 5.46 23.64
N SER B 81 -3.73 4.67 24.67
CA SER B 81 -3.23 5.28 25.92
C SER B 81 -1.87 5.94 25.73
N ARG B 82 -1.06 5.43 24.82
CA ARG B 82 0.22 6.06 24.50
C ARG B 82 0.60 5.60 23.12
N VAL B 83 0.74 6.53 22.19
CA VAL B 83 1.01 6.17 20.81
C VAL B 83 2.45 5.68 20.67
N GLU B 84 2.63 4.61 19.89
CA GLU B 84 3.93 4.09 19.50
C GLU B 84 4.12 4.28 18.01
N ALA B 85 5.37 4.19 17.58
CA ALA B 85 5.70 4.46 16.18
C ALA B 85 4.96 3.53 15.24
N GLU B 86 4.72 2.28 15.64
CA GLU B 86 4.06 1.31 14.76
C GLU B 86 2.52 1.44 14.73
N ASP B 87 1.96 2.42 15.39
CA ASP B 87 0.51 2.64 15.35
C ASP B 87 0.06 3.41 14.10
N LEU B 88 0.98 3.84 13.24
CA LEU B 88 0.63 4.70 12.13
C LEU B 88 -0.23 3.94 11.12
N GLY B 89 -1.10 4.68 10.47
CA GLY B 89 -1.98 4.13 9.45
C GLY B 89 -3.31 4.82 9.49
N VAL B 90 -4.25 4.22 8.80
CA VAL B 90 -5.58 4.76 8.69
C VAL B 90 -6.51 3.85 9.52
N TYR B 91 -7.23 4.48 10.45
CA TYR B 91 -8.21 3.80 11.32
C TYR B 91 -9.61 4.01 10.78
N TYR B 92 -10.42 2.90 10.79
CA TYR B 92 -11.80 2.97 10.31
C TYR B 92 -12.73 2.40 11.35
N CYS B 93 -13.84 3.13 11.64
CA CYS B 93 -14.94 2.37 12.30
C CYS B 93 -15.82 1.71 11.28
N CYS B 94 -16.53 0.66 11.64
CA CYS B 94 -17.40 -0.01 10.70
C CYS B 94 -18.53 -0.59 11.49
N GLN B 95 -19.72 -0.63 10.90
CA GLN B 95 -20.92 -1.21 11.57
C GLN B 95 -21.52 -2.35 10.76
N GLY B 96 -21.94 -3.39 11.53
CA GLY B 96 -22.53 -4.56 10.95
C GLY B 96 -23.91 -4.80 11.51
N THR B 97 -24.53 -3.76 12.04
CA THR B 97 -25.88 -3.94 12.58
C THR B 97 -26.94 -3.80 11.49
N HIS B 98 -26.78 -2.83 10.61
CA HIS B 98 -27.77 -2.47 9.60
C HIS B 98 -27.25 -2.76 8.22
N PHE B 99 -28.09 -3.30 7.36
CA PHE B 99 -27.71 -3.55 5.96
C PHE B 99 -28.01 -2.31 5.13
N PRO B 100 -27.07 -1.91 4.26
CA PRO B 100 -25.74 -2.48 4.04
C PRO B 100 -24.76 -2.10 5.12
N PHE B 101 -23.81 -2.98 5.41
CA PHE B 101 -22.74 -2.64 6.35
C PHE B 101 -21.92 -1.49 5.79
N THR B 102 -21.52 -0.57 6.68
CA THR B 102 -20.85 0.64 6.25
C THR B 102 -19.63 0.93 7.13
N PHE B 103 -18.76 1.73 6.50
CA PHE B 103 -17.47 2.14 7.05
C PHE B 103 -17.40 3.65 7.15
N GLY B 104 -16.64 4.12 8.16
CA GLY B 104 -16.24 5.53 8.21
C GLY B 104 -15.22 5.81 7.13
N VAL B 105 -14.93 7.11 6.96
CA VAL B 105 -14.02 7.55 5.88
C VAL B 105 -12.57 7.27 6.19
N GLY B 106 -12.26 7.10 7.44
CA GLY B 106 -10.89 6.85 7.85
C GLY B 106 -10.28 8.08 8.53
N THR B 107 -9.48 7.80 9.57
CA THR B 107 -8.69 8.81 10.28
C THR B 107 -7.22 8.42 10.07
N LYS B 108 -6.41 9.30 9.48
CA LYS B 108 -5.01 8.98 9.32
C LYS B 108 -4.25 9.38 10.58
N LEU B 109 -3.50 8.46 11.14
CA LEU B 109 -2.64 8.76 12.29
C LEU B 109 -1.19 8.91 11.84
N GLU B 110 -0.61 10.11 12.03
CA GLU B 110 0.78 10.33 11.69
C GLU B 110 1.57 10.69 12.94
N LEU B 111 2.86 10.35 12.93
CA LEU B 111 3.70 10.62 14.08
C LEU B 111 4.54 11.87 13.88
N LYS B 112 4.71 12.62 14.96
CA LYS B 112 5.63 13.75 15.04
C LYS B 112 6.92 13.25 15.66
N ARG B 113 8.05 13.86 15.26
CA ARG B 113 9.33 13.51 15.84
C ARG B 113 10.29 14.69 15.61
N THR B 114 11.54 14.55 16.09
CA THR B 114 12.57 15.58 15.94
C THR B 114 13.00 15.71 14.48
N VAL B 115 13.51 16.90 14.15
CA VAL B 115 14.02 17.12 12.80
C VAL B 115 15.16 16.15 12.56
N ALA B 116 15.20 15.57 11.34
CA ALA B 116 16.31 14.71 10.93
C ALA B 116 16.69 15.09 9.50
N ALA B 117 17.94 15.43 9.30
CA ALA B 117 18.43 15.78 7.97
C ALA B 117 18.52 14.52 7.10
N PRO B 118 18.31 14.65 5.79
CA PRO B 118 18.47 13.48 4.91
C PRO B 118 19.93 13.13 4.67
N SER B 119 20.17 11.84 4.48
CA SER B 119 21.37 11.37 3.79
C SER B 119 21.11 11.31 2.28
N VAL B 120 22.08 11.69 1.46
CA VAL B 120 21.81 11.91 0.05
C VAL B 120 22.73 11.01 -0.76
N PHE B 121 22.16 10.43 -1.84
CA PHE B 121 22.85 9.53 -2.75
C PHE B 121 22.41 9.86 -4.16
N ILE B 122 23.34 9.74 -5.09
CA ILE B 122 23.06 9.97 -6.49
C ILE B 122 23.41 8.70 -7.29
N PHE B 123 22.64 8.46 -8.36
CA PHE B 123 22.80 7.28 -9.19
C PHE B 123 22.83 7.70 -10.64
N PRO B 124 23.83 7.28 -11.42
CA PRO B 124 23.78 7.48 -12.86
C PRO B 124 22.79 6.53 -13.52
N PRO B 125 22.40 6.84 -14.75
CA PRO B 125 21.66 5.86 -15.54
C PRO B 125 22.51 4.60 -15.71
N SER B 126 21.84 3.45 -15.61
CA SER B 126 22.49 2.21 -15.93
C SER B 126 22.85 2.10 -17.40
N ASP B 127 23.91 1.37 -17.65
CA ASP B 127 24.25 1.09 -19.03
C ASP B 127 23.12 0.34 -19.72
N GLU B 128 22.37 -0.46 -18.97
CA GLU B 128 21.24 -1.16 -19.57
C GLU B 128 20.18 -0.18 -20.09
N GLN B 129 19.87 0.86 -19.31
CA GLN B 129 18.87 1.81 -19.77
C GLN B 129 19.38 2.58 -20.97
N LEU B 130 20.63 3.00 -20.92
CA LEU B 130 21.18 3.76 -22.03
C LEU B 130 21.21 2.92 -23.30
N LYS B 131 21.59 1.64 -23.18
CA LYS B 131 21.51 0.73 -24.33
C LYS B 131 20.10 0.68 -24.88
N SER B 132 19.08 0.80 -24.01
CA SER B 132 17.67 0.75 -24.42
C SER B 132 17.14 2.08 -24.96
N GLY B 133 17.87 3.17 -24.80
CA GLY B 133 17.60 4.41 -25.51
C GLY B 133 17.10 5.57 -24.68
N THR B 134 17.17 5.49 -23.35
CA THR B 134 16.70 6.56 -22.48
C THR B 134 17.71 6.74 -21.34
N ALA B 135 17.45 7.74 -20.49
CA ALA B 135 18.33 8.04 -19.36
C ALA B 135 17.52 8.65 -18.22
N SER B 136 17.68 8.07 -17.02
CA SER B 136 17.07 8.55 -15.80
C SER B 136 18.23 8.75 -14.83
N VAL B 137 18.40 9.95 -14.29
CA VAL B 137 19.38 10.21 -13.22
C VAL B 137 18.62 10.32 -11.91
N VAL B 138 19.01 9.57 -10.88
CA VAL B 138 18.21 9.50 -9.66
C VAL B 138 18.97 9.98 -8.44
N CYS B 139 18.27 10.74 -7.56
CA CYS B 139 18.81 11.25 -6.31
C CYS B 139 17.89 10.72 -5.21
N LEU B 140 18.47 10.13 -4.17
CA LEU B 140 17.72 9.60 -3.06
C LEU B 140 18.05 10.44 -1.82
N LEU B 141 17.00 10.86 -1.08
CA LEU B 141 17.10 11.52 0.22
C LEU B 141 16.53 10.49 1.20
N ASN B 142 17.33 10.06 2.16
CA ASN B 142 16.90 8.95 3.02
C ASN B 142 16.76 9.34 4.48
N ASN B 143 15.62 8.93 5.04
CA ASN B 143 15.36 8.89 6.48
C ASN B 143 15.42 10.30 7.08
N PHE B 144 14.51 11.13 6.59
CA PHE B 144 14.51 12.51 7.04
C PHE B 144 13.13 12.92 7.57
N TYR B 145 13.11 14.04 8.26
CA TYR B 145 11.88 14.55 8.83
C TYR B 145 12.05 16.02 9.09
N PRO B 146 11.08 16.88 8.78
CA PRO B 146 9.77 16.60 8.17
C PRO B 146 9.90 16.32 6.71
N ARG B 147 8.71 16.08 6.11
CA ARG B 147 8.60 15.62 4.72
C ARG B 147 9.12 16.64 3.73
N GLU B 148 9.03 17.91 4.07
CA GLU B 148 9.32 18.99 3.11
C GLU B 148 10.81 19.07 2.84
N ALA B 149 11.19 19.18 1.57
CA ALA B 149 12.58 19.32 1.17
C ALA B 149 12.65 20.01 -0.18
N LYS B 150 13.85 20.51 -0.51
CA LYS B 150 14.09 21.06 -1.83
C LYS B 150 15.22 20.27 -2.49
N VAL B 151 14.98 19.80 -3.70
CA VAL B 151 15.96 19.06 -4.49
C VAL B 151 16.17 19.75 -5.84
N GLN B 152 17.44 20.12 -6.14
CA GLN B 152 17.74 20.85 -7.37
C GLN B 152 18.79 20.06 -8.14
N TRP B 153 18.60 19.91 -9.45
CA TRP B 153 19.56 19.23 -10.30
C TRP B 153 20.43 20.24 -11.02
N LYS B 154 21.70 19.89 -11.22
CA LYS B 154 22.61 20.69 -12.01
C LYS B 154 23.31 19.78 -13.01
N VAL B 155 23.35 20.19 -14.26
CA VAL B 155 23.95 19.42 -15.34
C VAL B 155 24.99 20.35 -15.94
N ASP B 156 26.27 20.03 -15.79
CA ASP B 156 27.34 20.95 -16.24
C ASP B 156 27.09 22.36 -15.70
N ASN B 157 26.79 22.43 -14.41
CA ASN B 157 26.57 23.70 -13.71
C ASN B 157 25.41 24.49 -14.29
N ALA B 158 24.43 23.80 -14.86
CA ALA B 158 23.17 24.40 -15.31
C ALA B 158 22.06 23.92 -14.37
N LEU B 159 21.48 24.82 -13.59
CA LEU B 159 20.34 24.45 -12.74
C LEU B 159 19.21 24.06 -13.65
N GLN B 160 18.68 22.86 -13.42
CA GLN B 160 17.66 22.29 -14.26
C GLN B 160 16.27 22.80 -13.89
N SER B 161 15.35 22.68 -14.84
CA SER B 161 13.97 23.12 -14.65
C SER B 161 13.05 22.30 -15.51
N GLY B 162 11.91 21.89 -14.95
CA GLY B 162 10.86 21.32 -15.76
C GLY B 162 11.04 19.84 -16.06
N ASN B 163 12.13 19.19 -15.54
CA ASN B 163 12.52 17.87 -16.07
C ASN B 163 12.86 16.90 -14.95
N SER B 164 12.30 17.13 -13.79
CA SER B 164 12.45 16.21 -12.68
C SER B 164 11.10 15.98 -12.00
N GLN B 165 11.00 14.81 -11.35
CA GLN B 165 9.82 14.52 -10.56
C GLN B 165 10.26 13.82 -9.29
N GLU B 166 9.56 14.09 -8.20
CA GLU B 166 9.88 13.51 -6.90
C GLU B 166 8.76 12.60 -6.45
N SER B 167 9.12 11.59 -5.66
CA SER B 167 8.17 10.68 -5.05
C SER B 167 8.60 10.53 -3.59
N VAL B 168 7.62 10.43 -2.71
CA VAL B 168 7.90 10.31 -1.28
C VAL B 168 7.32 9.01 -0.72
N THR B 169 8.07 8.31 0.14
CA THR B 169 7.55 7.11 0.79
C THR B 169 6.46 7.46 1.82
N GLU B 170 5.76 6.44 2.26
CA GLU B 170 4.93 6.59 3.46
C GLU B 170 5.84 6.71 4.69
N GLN B 171 5.30 7.21 5.79
CA GLN B 171 6.09 7.33 7.01
C GLN B 171 6.57 5.99 7.50
N ASP B 172 7.79 5.95 8.01
CA ASP B 172 8.40 4.71 8.47
C ASP B 172 7.79 4.26 9.79
N SER B 173 7.42 2.98 9.86
CA SER B 173 6.76 2.47 11.05
C SER B 173 7.68 2.31 12.26
N LYS B 174 8.99 2.45 12.09
CA LYS B 174 9.89 2.28 13.24
C LYS B 174 10.51 3.60 13.71
N ASP B 175 10.97 4.45 12.77
CA ASP B 175 11.59 5.72 13.14
C ASP B 175 10.87 6.99 12.69
N SER B 176 9.71 6.86 12.08
CA SER B 176 8.82 7.94 11.74
C SER B 176 9.38 8.89 10.72
N THR B 177 10.42 8.49 9.99
CA THR B 177 10.96 9.34 8.95
C THR B 177 10.32 9.03 7.60
N TYR B 178 10.72 9.84 6.61
CA TYR B 178 10.37 9.69 5.21
C TYR B 178 11.60 9.49 4.34
N SER B 179 11.41 8.96 3.12
CA SER B 179 12.48 9.01 2.12
C SER B 179 11.87 9.54 0.85
N LEU B 180 12.73 10.03 -0.05
CA LEU B 180 12.29 10.74 -1.22
C LEU B 180 13.21 10.43 -2.38
N SER B 181 12.66 10.22 -3.54
CA SER B 181 13.46 9.97 -4.75
C SER B 181 13.15 11.06 -5.73
N SER B 182 14.18 11.58 -6.40
CA SER B 182 13.99 12.58 -7.45
C SER B 182 14.60 12.01 -8.71
N THR B 183 13.83 11.96 -9.81
CA THR B 183 14.33 11.45 -11.07
C THR B 183 14.45 12.61 -12.04
N LEU B 184 15.63 12.76 -12.58
CA LEU B 184 15.87 13.71 -13.67
C LEU B 184 15.80 12.90 -14.94
N THR B 185 14.91 13.30 -15.85
CA THR B 185 14.71 12.65 -17.13
C THR B 185 15.38 13.43 -18.26
N LEU B 186 16.25 12.75 -19.01
CA LEU B 186 16.90 13.32 -20.19
C LEU B 186 16.89 12.30 -21.32
N SER B 187 16.98 12.78 -22.55
CA SER B 187 17.19 11.83 -23.63
C SER B 187 18.58 11.24 -23.50
N LYS B 188 18.79 10.07 -24.11
CA LYS B 188 20.15 9.53 -24.13
C LYS B 188 21.13 10.50 -24.78
N ALA B 189 20.74 11.13 -25.88
CA ALA B 189 21.66 12.03 -26.55
C ALA B 189 22.04 13.21 -25.66
N ASP B 190 21.07 13.76 -24.94
CA ASP B 190 21.36 14.88 -24.07
C ASP B 190 22.20 14.44 -22.89
N TYR B 191 21.92 13.26 -22.33
CA TYR B 191 22.76 12.76 -21.25
C TYR B 191 24.20 12.64 -21.70
N GLU B 192 24.41 12.08 -22.89
CA GLU B 192 25.75 11.81 -23.39
C GLU B 192 26.45 13.08 -23.84
N LYS B 193 25.71 14.18 -23.94
CA LYS B 193 26.30 15.45 -24.32
C LYS B 193 26.98 16.17 -23.16
N HIS B 194 26.64 15.82 -21.92
CA HIS B 194 27.07 16.55 -20.75
C HIS B 194 27.89 15.66 -19.84
N LYS B 195 28.53 16.30 -18.87
CA LYS B 195 29.58 15.67 -18.08
C LYS B 195 29.26 15.57 -16.61
N VAL B 196 29.01 16.70 -15.96
CA VAL B 196 28.87 16.74 -14.50
C VAL B 196 27.40 16.74 -14.15
N TYR B 197 26.98 15.73 -13.39
CA TYR B 197 25.62 15.64 -12.89
C TYR B 197 25.63 15.79 -11.36
N ALA B 198 24.75 16.65 -10.83
CA ALA B 198 24.72 16.89 -9.40
C ALA B 198 23.32 17.13 -8.89
N CYS B 199 22.99 16.56 -7.72
N CYS B 199 23.06 16.64 -7.67
CA CYS B 199 21.75 16.94 -7.05
CA CYS B 199 21.83 16.83 -6.92
C CYS B 199 22.09 17.64 -5.73
C CYS B 199 22.13 17.65 -5.68
N GLU B 200 21.44 18.78 -5.51
CA GLU B 200 21.69 19.65 -4.38
C GLU B 200 20.45 19.71 -3.51
N VAL B 201 20.61 19.46 -2.20
CA VAL B 201 19.50 19.18 -1.32
C VAL B 201 19.51 20.20 -0.19
N THR B 202 18.38 20.87 0.00
CA THR B 202 18.14 21.79 1.11
C THR B 202 17.08 21.16 2.01
N HIS B 203 17.24 21.34 3.32
CA HIS B 203 16.32 20.73 4.27
C HIS B 203 16.50 21.44 5.61
N GLN B 204 15.42 21.51 6.39
CA GLN B 204 15.44 22.24 7.64
C GLN B 204 16.54 21.74 8.57
N GLY B 205 16.90 20.46 8.47
CA GLY B 205 17.92 19.88 9.32
C GLY B 205 19.34 20.13 8.88
N LEU B 206 19.53 20.71 7.70
CA LEU B 206 20.85 21.12 7.21
C LEU B 206 21.10 22.61 7.34
N SER B 207 22.27 23.00 7.87
CA SER B 207 22.63 24.42 7.96
C SER B 207 23.08 24.96 6.62
N SER B 208 23.59 24.09 5.74
CA SER B 208 23.95 24.47 4.38
C SER B 208 23.54 23.34 3.44
N PRO B 209 23.26 23.63 2.17
CA PRO B 209 22.83 22.55 1.26
C PRO B 209 23.90 21.49 1.11
N VAL B 210 23.46 20.29 0.70
CA VAL B 210 24.34 19.14 0.51
C VAL B 210 24.29 18.74 -0.96
N THR B 211 25.46 18.58 -1.58
CA THR B 211 25.50 18.22 -2.99
C THR B 211 26.21 16.87 -3.22
N LYS B 212 25.56 15.97 -3.96
CA LYS B 212 26.24 14.76 -4.44
C LYS B 212 26.35 14.81 -5.96
N SER B 213 27.46 14.32 -6.50
CA SER B 213 27.63 14.43 -7.93
C SER B 213 28.39 13.22 -8.47
N PHE B 214 28.35 13.10 -9.79
CA PHE B 214 29.27 12.24 -10.53
C PHE B 214 29.58 12.84 -11.89
N ASN B 215 30.68 12.38 -12.49
CA ASN B 215 31.07 12.77 -13.83
C ASN B 215 30.80 11.62 -14.77
N ARG B 216 30.04 11.87 -15.84
CA ARG B 216 29.68 10.81 -16.77
C ARG B 216 30.95 10.20 -17.34
N GLY B 217 30.97 8.87 -17.41
CA GLY B 217 32.15 8.13 -17.75
C GLY B 217 33.23 8.19 -16.70
N GLU B 218 32.86 8.41 -15.43
CA GLU B 218 33.83 8.62 -14.36
C GLU B 218 34.89 9.64 -14.76
N GLU C 1 -7.41 -26.48 14.13
CA GLU C 1 -8.29 -25.46 13.55
C GLU C 1 -8.62 -24.39 14.58
N THR C 2 -8.91 -23.17 14.11
CA THR C 2 -9.43 -22.18 15.03
C THR C 2 -10.88 -22.50 15.32
N PHE C 3 -11.41 -21.93 16.40
CA PHE C 3 -12.77 -22.26 16.83
C PHE C 3 -13.83 -21.66 15.90
N THR C 4 -14.83 -22.44 15.51
CA THR C 4 -16.03 -21.94 14.85
C THR C 4 -17.27 -22.56 15.49
N ASN C 5 -18.43 -22.10 15.04
CA ASN C 5 -19.72 -22.66 15.47
C ASN C 5 -20.51 -22.99 14.21
N LYS C 6 -20.97 -24.22 14.10
CA LYS C 6 -21.77 -24.63 12.96
C LYS C 6 -23.12 -23.94 12.96
N LEU C 7 -23.63 -23.52 14.13
CA LEU C 7 -24.88 -22.75 14.19
C LEU C 7 -24.79 -21.44 13.44
N LYS C 8 -25.70 -21.25 12.48
CA LYS C 8 -25.68 -20.04 11.69
C LYS C 8 -26.28 -18.93 12.53
N GLU C 9 -25.62 -17.77 12.57
CA GLU C 9 -26.08 -16.60 13.32
C GLU C 9 -25.85 -15.38 12.44
N LYS C 10 -26.47 -14.26 12.82
CA LYS C 10 -26.36 -13.04 12.04
C LYS C 10 -24.92 -12.61 11.83
N HIS C 11 -24.09 -12.71 12.90
CA HIS C 11 -22.63 -12.59 12.75
C HIS C 11 -21.93 -13.76 13.39
N THR C 12 -20.92 -14.24 12.68
CA THR C 12 -20.18 -15.41 13.10
C THR C 12 -18.85 -15.02 13.76
N ASP C 13 -18.30 -15.97 14.55
CA ASP C 13 -16.97 -15.84 15.16
C ASP C 13 -16.84 -14.64 16.08
N LEU C 14 -17.83 -14.51 16.96
CA LEU C 14 -17.87 -13.49 17.96
C LEU C 14 -17.75 -14.02 19.37
#